data_6PBW
#
_entry.id   6PBW
#
_cell.length_a   70.397
_cell.length_b   70.397
_cell.length_c   186.485
_cell.angle_alpha   90.00
_cell.angle_beta   90.00
_cell.angle_gamma   120.00
#
_symmetry.space_group_name_H-M   'P 32 2 1'
#
loop_
_entity.id
_entity.type
_entity.pdbx_description
1 polymer 'Fab667 light chain'
2 polymer 'Fab667 heavy chain'
3 polymer 'NPNANPNANPNA peptide'
4 non-polymer 'TRIETHYLENE GLYCOL'
5 non-polymer GLYCEROL
6 water water
#
loop_
_entity_poly.entity_id
_entity_poly.type
_entity_poly.pdbx_seq_one_letter_code
_entity_poly.pdbx_strand_id
1 'polypeptide(L)'
;QSALTQPDSVSGSPGQSITISCTGTSNDVGIYNHVSWYQQHPGKAPKLMIYDVNKRPSGISNRFSGSKSGDTASLTISGL
QAEDEADYYCCSYAGSSAWVFGGGTKLTVLGQPKAAPSVTLFPPSSEELQANKATLVCLISDFYPGAVTVAWKADSSPVK
AGVETTTPSKQSNNKYAASSYLSLTPEQWKSHRSYSCQVTHEGSTVEKTVAPTECS
;
C
2 'polypeptide(L)'
;QVQLVQSGAEVKKPGASVKVSCRASGYTFTNYAMHWVRQAPGQRLEWMGWINAGNGYTKYSQKFQDRVTITRDTSATTAY
MELSSLRSEDTAMYYCARDSFYDILSGPVYHYYGMDVWGQGTTVTVSSASTKGPSVFPLAPSSKSTSGGTAALGCLVKDY
FPEPVTVSWNSGALTSGVHTFPAVLQSSGLYSLSSVVTVPSSSLGTQTYICNVNHKPSNTKVDKKVEPKSC
;
D
3 'polypeptide(L)' (ACE)NPNANPNANPNA(NH2) E
#
# COMPACT_ATOMS: atom_id res chain seq x y z
N SER A 2 11.30 17.44 12.41
CA SER A 2 11.56 16.05 12.78
C SER A 2 10.39 15.45 13.56
N ALA A 3 10.26 14.12 13.50
CA ALA A 3 9.05 13.45 13.94
C ALA A 3 9.12 13.03 15.40
N LEU A 4 8.08 12.34 15.85
CA LEU A 4 8.03 11.74 17.19
C LEU A 4 8.59 10.33 17.13
N THR A 5 9.32 9.95 18.17
CA THR A 5 10.04 8.68 18.19
C THR A 5 9.15 7.59 18.78
N GLN A 6 8.86 6.57 17.97
CA GLN A 6 8.14 5.37 18.36
C GLN A 6 9.03 4.15 18.19
N PRO A 7 8.80 3.09 18.96
CA PRO A 7 9.50 1.83 18.68
C PRO A 7 9.08 1.27 17.33
N ASP A 8 10.02 0.61 16.66
CA ASP A 8 9.75 0.14 15.31
C ASP A 8 8.75 -1.00 15.30
N SER A 9 8.84 -1.91 16.26
CA SER A 9 7.95 -3.06 16.30
C SER A 9 7.71 -3.50 17.74
N VAL A 10 6.53 -4.07 17.97
CA VAL A 10 6.15 -4.63 19.26
C VAL A 10 5.40 -5.93 19.00
N SER A 11 5.60 -6.92 19.86
CA SER A 11 5.01 -8.23 19.68
C SER A 11 4.33 -8.68 20.97
N GLY A 12 3.24 -9.44 20.80
CA GLY A 12 2.50 -10.00 21.92
C GLY A 12 1.60 -11.11 21.45
N SER A 13 1.23 -11.98 22.39
CA SER A 13 0.38 -13.13 22.13
C SER A 13 -1.05 -12.83 22.58
N PRO A 14 -2.04 -13.53 22.03
CA PRO A 14 -3.45 -13.26 22.40
C PRO A 14 -3.67 -13.29 23.91
N GLY A 15 -4.45 -12.31 24.40
CA GLY A 15 -4.72 -12.14 25.81
C GLY A 15 -3.73 -11.24 26.52
N GLN A 16 -2.50 -11.15 26.01
CA GLN A 16 -1.46 -10.30 26.56
C GLN A 16 -1.80 -8.83 26.37
N SER A 17 -1.20 -7.99 27.20
CA SER A 17 -1.27 -6.54 27.05
C SER A 17 0.10 -6.01 26.65
N ILE A 18 0.09 -4.98 25.79
CA ILE A 18 1.31 -4.34 25.31
C ILE A 18 1.15 -2.83 25.45
N THR A 19 2.27 -2.13 25.30
CA THR A 19 2.29 -0.68 25.38
C THR A 19 3.23 -0.13 24.31
N ILE A 20 2.79 0.90 23.61
CA ILE A 20 3.55 1.52 22.53
C ILE A 20 3.93 2.93 22.99
N SER A 21 5.23 3.22 22.96
CA SER A 21 5.72 4.53 23.40
C SER A 21 5.72 5.52 22.23
N CYS A 22 5.67 6.80 22.58
CA CYS A 22 5.71 7.89 21.61
C CYS A 22 6.37 9.07 22.30
N THR A 23 7.68 9.23 22.08
CA THR A 23 8.48 10.24 22.77
C THR A 23 8.56 11.49 21.91
N GLY A 24 8.17 12.63 22.49
CA GLY A 24 8.28 13.91 21.82
C GLY A 24 9.22 14.84 22.54
N THR A 25 8.98 16.15 22.44
CA THR A 25 9.82 17.16 23.08
C THR A 25 8.96 18.03 24.00
N SER A 26 9.60 19.08 24.54
CA SER A 26 8.91 20.07 25.34
C SER A 26 8.13 21.07 24.51
N ASN A 27 8.00 20.84 23.20
CA ASN A 27 7.26 21.72 22.31
C ASN A 27 6.04 21.06 21.71
N ASP A 28 5.76 19.80 22.05
CA ASP A 28 4.60 19.11 21.49
C ASP A 28 3.90 18.26 22.55
N VAL A 29 4.40 17.04 22.78
CA VAL A 29 3.74 16.10 23.68
C VAL A 29 3.77 16.63 25.11
N GLY A 30 4.85 17.29 25.50
CA GLY A 30 5.01 17.72 26.88
C GLY A 30 4.10 18.86 27.29
N ILE A 31 3.60 19.64 26.34
CA ILE A 31 2.83 20.85 26.64
C ILE A 31 1.35 20.65 26.39
N TYR A 32 1.00 20.08 25.24
CA TYR A 32 -0.39 20.01 24.81
C TYR A 32 -1.00 18.65 25.12
N ASN A 33 -2.32 18.66 25.36
CA ASN A 33 -3.11 17.44 25.46
C ASN A 33 -3.63 16.98 24.11
N HIS A 34 -3.31 17.69 23.03
CA HIS A 34 -3.74 17.33 21.68
C HIS A 34 -2.85 16.20 21.15
N VAL A 35 -3.04 15.02 21.75
CA VAL A 35 -2.29 13.82 21.38
C VAL A 35 -3.29 12.76 20.95
N SER A 36 -3.08 12.21 19.76
CA SER A 36 -3.99 11.23 19.18
C SER A 36 -3.21 9.97 18.77
N TRP A 37 -3.95 8.87 18.67
CA TRP A 37 -3.40 7.59 18.23
C TRP A 37 -4.25 7.05 17.08
N TYR A 38 -3.60 6.45 16.10
CA TYR A 38 -4.28 5.98 14.90
C TYR A 38 -3.84 4.57 14.56
N GLN A 39 -4.81 3.73 14.20
CA GLN A 39 -4.55 2.37 13.77
C GLN A 39 -4.74 2.28 12.25
N GLN A 40 -3.80 1.63 11.58
CA GLN A 40 -3.84 1.52 10.13
C GLN A 40 -3.52 0.09 9.73
N HIS A 41 -4.48 -0.55 9.06
CA HIS A 41 -4.21 -1.83 8.44
C HIS A 41 -3.60 -1.62 7.05
N PRO A 42 -2.78 -2.55 6.58
CA PRO A 42 -2.07 -2.36 5.31
C PRO A 42 -3.04 -2.09 4.16
N GLY A 43 -2.80 -0.98 3.46
CA GLY A 43 -3.61 -0.61 2.32
C GLY A 43 -4.88 0.15 2.63
N LYS A 44 -5.19 0.39 3.90
CA LYS A 44 -6.42 1.05 4.30
C LYS A 44 -6.10 2.40 4.94
N ALA A 45 -7.15 3.20 5.10
CA ALA A 45 -7.00 4.50 5.73
C ALA A 45 -6.84 4.34 7.24
N PRO A 46 -6.11 5.24 7.88
CA PRO A 46 -5.99 5.19 9.35
C PRO A 46 -7.32 5.38 10.03
N LYS A 47 -7.36 5.01 11.31
CA LYS A 47 -8.58 5.03 12.10
C LYS A 47 -8.26 5.59 13.47
N LEU A 48 -9.00 6.62 13.89
CA LEU A 48 -8.76 7.25 15.18
C LEU A 48 -9.16 6.29 16.30
N MET A 49 -8.21 5.99 17.18
CA MET A 49 -8.44 5.12 18.33
C MET A 49 -8.46 5.86 19.65
N ILE A 50 -7.61 6.87 19.82
CA ILE A 50 -7.49 7.63 21.06
C ILE A 50 -7.26 9.09 20.69
N TYR A 51 -8.00 10.00 21.33
CA TYR A 51 -7.79 11.42 21.16
C TYR A 51 -7.80 12.09 22.53
N ASP A 52 -7.22 13.29 22.59
CA ASP A 52 -7.07 14.04 23.84
C ASP A 52 -6.41 13.17 24.92
N VAL A 53 -5.30 12.53 24.53
CA VAL A 53 -4.46 11.72 25.41
C VAL A 53 -5.12 10.41 25.79
N ASN A 54 -6.36 10.46 26.29
CA ASN A 54 -6.93 9.26 26.90
C ASN A 54 -8.42 9.05 26.59
N LYS A 55 -8.97 9.70 25.59
CA LYS A 55 -10.40 9.58 25.27
C LYS A 55 -10.59 8.75 24.01
N ARG A 56 -11.64 7.92 24.02
CA ARG A 56 -11.96 7.03 22.91
C ARG A 56 -13.19 7.52 22.15
N PRO A 57 -13.18 7.46 20.82
CA PRO A 57 -14.40 7.75 20.06
C PRO A 57 -15.45 6.67 20.29
N SER A 58 -16.65 6.96 19.81
CA SER A 58 -17.75 6.01 19.95
C SER A 58 -17.40 4.68 19.31
N GLY A 59 -17.74 3.59 20.01
CA GLY A 59 -17.55 2.25 19.51
C GLY A 59 -16.17 1.64 19.74
N ILE A 60 -15.16 2.47 20.02
CA ILE A 60 -13.83 1.93 20.24
C ILE A 60 -13.79 1.15 21.55
N SER A 61 -13.24 -0.05 21.50
CA SER A 61 -13.21 -0.92 22.66
C SER A 61 -12.39 -0.29 23.79
N ASN A 62 -12.80 -0.59 25.03
CA ASN A 62 -12.05 -0.10 26.19
C ASN A 62 -10.74 -0.85 26.39
N ARG A 63 -10.43 -1.83 25.54
CA ARG A 63 -9.12 -2.46 25.56
C ARG A 63 -8.01 -1.47 25.19
N PHE A 64 -8.35 -0.42 24.45
CA PHE A 64 -7.39 0.59 24.06
C PHE A 64 -7.43 1.75 25.06
N SER A 65 -6.26 2.11 25.59
CA SER A 65 -6.17 3.19 26.55
C SER A 65 -4.93 4.01 26.27
N GLY A 66 -4.99 5.30 26.61
CA GLY A 66 -3.88 6.19 26.42
C GLY A 66 -3.49 6.92 27.68
N SER A 67 -2.22 7.32 27.77
CA SER A 67 -1.74 8.08 28.91
C SER A 67 -0.56 8.93 28.47
N LYS A 68 -0.14 9.83 29.35
CA LYS A 68 0.97 10.72 29.06
C LYS A 68 1.73 11.03 30.33
N SER A 69 3.06 10.96 30.26
CA SER A 69 3.92 11.27 31.40
C SER A 69 5.13 12.04 30.85
N GLY A 70 5.18 13.34 31.14
CA GLY A 70 6.24 14.17 30.64
C GLY A 70 6.17 14.35 29.14
N ASP A 71 7.23 13.93 28.43
CA ASP A 71 7.29 14.07 26.98
C ASP A 71 6.91 12.80 26.24
N THR A 72 6.47 11.76 26.94
CA THR A 72 6.21 10.46 26.34
C THR A 72 4.73 10.10 26.50
N ALA A 73 4.04 9.97 25.39
CA ALA A 73 2.69 9.43 25.37
C ALA A 73 2.74 7.93 25.11
N SER A 74 1.79 7.20 25.68
CA SER A 74 1.77 5.75 25.61
C SER A 74 0.37 5.26 25.28
N LEU A 75 0.31 4.22 24.44
CA LEU A 75 -0.94 3.57 24.06
C LEU A 75 -0.89 2.12 24.52
N THR A 76 -1.85 1.72 25.35
CA THR A 76 -1.93 0.37 25.89
C THR A 76 -3.09 -0.38 25.25
N ILE A 77 -2.84 -1.61 24.86
CA ILE A 77 -3.86 -2.48 24.25
C ILE A 77 -3.98 -3.72 25.13
N SER A 78 -5.10 -3.83 25.84
CA SER A 78 -5.37 -4.99 26.69
C SER A 78 -6.11 -6.06 25.91
N GLY A 79 -6.01 -7.30 26.40
CA GLY A 79 -6.67 -8.44 25.76
C GLY A 79 -6.38 -8.53 24.28
N LEU A 80 -5.09 -8.59 23.93
CA LEU A 80 -4.66 -8.54 22.54
C LEU A 80 -5.36 -9.60 21.71
N GLN A 81 -5.82 -9.20 20.53
CA GLN A 81 -6.48 -10.10 19.59
C GLN A 81 -5.78 -10.02 18.25
N ALA A 82 -6.05 -11.03 17.41
CA ALA A 82 -5.40 -11.10 16.10
C ALA A 82 -5.76 -9.91 15.23
N GLU A 83 -6.97 -9.38 15.37
CA GLU A 83 -7.39 -8.23 14.57
C GLU A 83 -6.66 -6.95 14.94
N ASP A 84 -5.93 -6.93 16.05
CA ASP A 84 -5.18 -5.75 16.45
C ASP A 84 -3.87 -5.60 15.69
N GLU A 85 -3.46 -6.61 14.92
CA GLU A 85 -2.26 -6.51 14.09
C GLU A 85 -2.40 -5.39 13.07
N ALA A 86 -1.63 -4.33 13.23
CA ALA A 86 -1.68 -3.17 12.35
C ALA A 86 -0.50 -2.26 12.68
N ASP A 87 -0.38 -1.19 11.91
CA ASP A 87 0.55 -0.12 12.22
C ASP A 87 -0.17 0.93 13.06
N TYR A 88 0.49 1.38 14.12
CA TYR A 88 -0.08 2.35 15.04
C TYR A 88 0.78 3.62 15.03
N TYR A 89 0.12 4.76 14.85
CA TYR A 89 0.79 6.04 14.76
C TYR A 89 0.27 6.98 15.83
N CYS A 90 1.18 7.71 16.46
CA CYS A 90 0.83 8.81 17.36
C CYS A 90 0.97 10.13 16.61
N CYS A 91 0.18 11.11 17.04
CA CYS A 91 0.23 12.44 16.44
C CYS A 91 0.02 13.46 17.55
N SER A 92 0.76 14.57 17.47
CA SER A 92 0.74 15.59 18.50
C SER A 92 0.68 16.98 17.88
N TYR A 93 0.02 17.89 18.59
CA TYR A 93 0.08 19.30 18.22
C TYR A 93 1.50 19.81 18.44
N ALA A 94 1.99 20.63 17.51
CA ALA A 94 3.35 21.14 17.56
C ALA A 94 3.41 22.66 17.67
N GLY A 95 2.31 23.32 17.97
CA GLY A 95 2.28 24.76 18.06
C GLY A 95 2.19 25.41 16.68
N SER A 96 1.73 26.66 16.68
CA SER A 96 1.63 27.47 15.47
C SER A 96 0.78 26.77 14.40
N SER A 97 -0.29 26.11 14.85
CA SER A 97 -1.26 25.46 13.97
C SER A 97 -0.64 24.33 13.15
N ALA A 98 0.41 23.71 13.67
CA ALA A 98 1.08 22.62 12.98
C ALA A 98 0.95 21.31 13.76
N TRP A 99 1.06 20.20 13.04
CA TRP A 99 0.94 18.88 13.62
C TRP A 99 2.10 18.01 13.15
N VAL A 100 2.47 17.03 13.98
CA VAL A 100 3.57 16.13 13.69
C VAL A 100 3.14 14.70 14.00
N PHE A 101 3.56 13.77 13.15
CA PHE A 101 3.27 12.35 13.31
C PHE A 101 4.49 11.62 13.86
N GLY A 102 4.23 10.48 14.51
CA GLY A 102 5.31 9.61 14.94
C GLY A 102 5.82 8.72 13.83
N GLY A 103 6.92 8.04 14.11
CA GLY A 103 7.52 7.16 13.12
C GLY A 103 6.71 5.93 12.79
N GLY A 104 5.83 5.51 13.68
CA GLY A 104 5.02 4.33 13.46
C GLY A 104 5.56 3.09 14.12
N THR A 105 4.66 2.26 14.64
CA THR A 105 5.00 1.00 15.27
C THR A 105 4.16 -0.12 14.66
N LYS A 106 4.81 -1.23 14.33
CA LYS A 106 4.11 -2.39 13.78
C LYS A 106 3.88 -3.40 14.89
N LEU A 107 2.61 -3.71 15.14
CA LEU A 107 2.22 -4.63 16.19
C LEU A 107 1.94 -6.01 15.58
N THR A 108 2.67 -7.02 16.03
CA THR A 108 2.49 -8.39 15.58
C THR A 108 1.89 -9.23 16.71
N VAL A 109 0.90 -10.04 16.38
CA VAL A 109 0.24 -10.92 17.33
C VAL A 109 0.72 -12.34 17.08
N LEU A 110 1.39 -12.93 18.07
CA LEU A 110 2.02 -14.23 17.92
C LEU A 110 0.98 -15.34 18.07
N GLY A 111 1.44 -16.59 17.97
CA GLY A 111 0.57 -17.73 18.14
C GLY A 111 -0.37 -18.00 16.99
N GLN A 112 -0.23 -17.29 15.87
CA GLN A 112 -1.10 -17.53 14.73
C GLN A 112 -0.60 -18.70 13.90
N PRO A 113 -1.51 -19.48 13.31
CA PRO A 113 -1.08 -20.63 12.50
C PRO A 113 -0.33 -20.19 11.25
N LYS A 114 0.81 -20.82 11.00
CA LYS A 114 1.62 -20.51 9.85
C LYS A 114 1.28 -21.43 8.68
N ALA A 115 1.57 -20.95 7.47
CA ALA A 115 1.28 -21.70 6.25
C ALA A 115 2.48 -21.61 5.32
N ALA A 116 2.94 -22.76 4.83
CA ALA A 116 4.08 -22.78 3.93
C ALA A 116 3.67 -22.31 2.53
N PRO A 117 4.58 -21.68 1.80
CA PRO A 117 4.21 -21.14 0.49
C PRO A 117 4.16 -22.20 -0.60
N SER A 118 3.21 -22.04 -1.51
CA SER A 118 3.17 -22.81 -2.75
C SER A 118 3.90 -22.02 -3.83
N VAL A 119 4.72 -22.72 -4.62
CA VAL A 119 5.59 -22.08 -5.60
C VAL A 119 5.31 -22.69 -6.97
N THR A 120 5.14 -21.83 -7.97
CA THR A 120 5.04 -22.25 -9.36
C THR A 120 6.04 -21.44 -10.18
N LEU A 121 6.87 -22.12 -10.94
CA LEU A 121 7.93 -21.50 -11.72
C LEU A 121 7.76 -21.84 -13.18
N PHE A 122 7.71 -20.79 -14.03
CA PHE A 122 7.58 -20.98 -15.47
C PHE A 122 8.87 -20.61 -16.17
N PRO A 123 9.27 -21.37 -17.19
CA PRO A 123 10.44 -20.99 -18.00
C PRO A 123 10.06 -19.91 -19.00
N PRO A 124 11.03 -19.33 -19.71
CA PRO A 124 10.67 -18.35 -20.74
C PRO A 124 9.89 -19.00 -21.86
N SER A 125 8.84 -18.31 -22.31
CA SER A 125 8.06 -18.81 -23.43
C SER A 125 8.88 -18.72 -24.72
N SER A 126 8.52 -19.56 -25.68
CA SER A 126 9.21 -19.55 -26.97
C SER A 126 8.93 -18.27 -27.73
N GLU A 127 7.75 -17.67 -27.55
CA GLU A 127 7.46 -16.39 -28.19
C GLU A 127 8.34 -15.28 -27.65
N GLU A 128 8.61 -15.28 -26.35
CA GLU A 128 9.52 -14.29 -25.79
C GLU A 128 10.95 -14.54 -26.24
N LEU A 129 11.37 -15.81 -26.28
CA LEU A 129 12.71 -16.13 -26.74
C LEU A 129 12.90 -15.73 -28.21
N GLN A 130 11.85 -15.89 -29.02
CA GLN A 130 11.91 -15.44 -30.40
C GLN A 130 11.93 -13.92 -30.51
N ALA A 131 11.55 -13.22 -29.45
CA ALA A 131 11.71 -11.77 -29.36
C ALA A 131 13.04 -11.39 -28.73
N ASN A 132 13.97 -12.34 -28.61
CA ASN A 132 15.32 -12.11 -28.09
C ASN A 132 15.29 -11.64 -26.63
N LYS A 133 14.34 -12.14 -25.85
CA LYS A 133 14.26 -11.84 -24.43
C LYS A 133 13.91 -13.12 -23.69
N ALA A 134 14.15 -13.10 -22.37
CA ALA A 134 13.88 -14.27 -21.54
C ALA A 134 13.54 -13.82 -20.12
N THR A 135 12.45 -14.35 -19.59
CA THR A 135 12.01 -14.01 -18.23
C THR A 135 11.55 -15.27 -17.53
N LEU A 136 12.12 -15.54 -16.37
CA LEU A 136 11.63 -16.59 -15.49
C LEU A 136 10.71 -15.96 -14.46
N VAL A 137 9.53 -16.56 -14.27
CA VAL A 137 8.52 -16.00 -13.38
C VAL A 137 8.27 -16.99 -12.25
N CYS A 138 8.51 -16.55 -11.02
CA CYS A 138 8.34 -17.35 -9.81
C CYS A 138 7.16 -16.80 -9.03
N LEU A 139 6.11 -17.61 -8.89
CA LEU A 139 4.86 -17.18 -8.27
C LEU A 139 4.67 -17.91 -6.95
N ILE A 140 4.38 -17.15 -5.89
CA ILE A 140 4.34 -17.66 -4.53
C ILE A 140 2.99 -17.28 -3.92
N SER A 141 2.31 -18.26 -3.32
CA SER A 141 0.96 -18.02 -2.85
C SER A 141 0.69 -18.84 -1.58
N ASP A 142 -0.34 -18.41 -0.85
CA ASP A 142 -0.95 -19.18 0.24
C ASP A 142 0.01 -19.37 1.41
N PHE A 143 0.80 -18.35 1.72
CA PHE A 143 1.69 -18.40 2.88
C PHE A 143 1.27 -17.36 3.91
N TYR A 144 1.63 -17.62 5.17
CA TYR A 144 1.34 -16.76 6.29
C TYR A 144 2.36 -17.08 7.38
N PRO A 145 2.96 -16.06 8.01
CA PRO A 145 2.74 -14.62 7.79
C PRO A 145 3.31 -14.11 6.46
N GLY A 146 2.99 -12.87 6.11
CA GLY A 146 3.39 -12.32 4.82
C GLY A 146 4.82 -11.82 4.77
N ALA A 147 5.78 -12.75 4.77
CA ALA A 147 7.19 -12.41 4.66
C ALA A 147 7.94 -13.58 4.04
N VAL A 148 8.51 -13.35 2.86
CA VAL A 148 9.30 -14.36 2.17
C VAL A 148 10.54 -13.69 1.60
N THR A 149 11.61 -14.47 1.47
CA THR A 149 12.81 -14.05 0.77
C THR A 149 13.05 -14.98 -0.41
N VAL A 150 13.39 -14.40 -1.56
CA VAL A 150 13.54 -15.15 -2.80
C VAL A 150 15.00 -15.07 -3.23
N ALA A 151 15.57 -16.23 -3.57
CA ALA A 151 16.92 -16.32 -4.11
C ALA A 151 16.90 -17.18 -5.36
N TRP A 152 17.62 -16.74 -6.38
CA TRP A 152 17.71 -17.44 -7.66
C TRP A 152 19.09 -18.07 -7.81
N LYS A 153 19.15 -19.15 -8.58
CA LYS A 153 20.41 -19.86 -8.81
C LYS A 153 20.46 -20.38 -10.24
N ALA A 154 21.61 -20.18 -10.88
CA ALA A 154 21.92 -20.78 -12.16
C ALA A 154 22.75 -22.03 -11.91
N ASP A 155 22.22 -23.19 -12.28
CA ASP A 155 22.79 -24.48 -11.87
C ASP A 155 22.88 -24.55 -10.36
N SER A 156 24.00 -24.08 -9.80
CA SER A 156 24.14 -24.04 -8.36
C SER A 156 24.78 -22.75 -7.87
N SER A 157 25.04 -21.79 -8.75
CA SER A 157 25.66 -20.52 -8.39
C SER A 157 24.61 -19.43 -8.23
N PRO A 158 24.72 -18.62 -7.18
CA PRO A 158 23.73 -17.56 -6.96
C PRO A 158 23.80 -16.51 -8.07
N VAL A 159 22.63 -15.94 -8.38
CA VAL A 159 22.51 -14.88 -9.37
C VAL A 159 21.64 -13.78 -8.78
N LYS A 160 22.17 -12.57 -8.74
CA LYS A 160 21.45 -11.41 -8.22
C LYS A 160 21.04 -10.41 -9.28
N ALA A 161 21.82 -10.28 -10.35
CA ALA A 161 21.49 -9.33 -11.40
C ALA A 161 20.21 -9.75 -12.12
N GLY A 162 19.28 -8.81 -12.25
CA GLY A 162 18.05 -9.05 -12.97
C GLY A 162 16.91 -9.62 -12.18
N VAL A 163 16.98 -9.59 -10.84
CA VAL A 163 15.94 -10.16 -9.99
C VAL A 163 15.04 -9.03 -9.51
N GLU A 164 13.73 -9.17 -9.74
CA GLU A 164 12.73 -8.22 -9.27
C GLU A 164 11.67 -8.98 -8.51
N THR A 165 11.44 -8.60 -7.24
CA THR A 165 10.53 -9.30 -6.36
C THR A 165 9.53 -8.33 -5.77
N THR A 166 8.26 -8.71 -5.76
CA THR A 166 7.20 -7.88 -5.20
C THR A 166 7.15 -8.01 -3.69
N THR A 167 6.51 -7.03 -3.06
CA THR A 167 6.18 -7.17 -1.65
C THR A 167 4.97 -8.10 -1.49
N PRO A 168 4.88 -8.83 -0.38
CA PRO A 168 3.74 -9.71 -0.18
C PRO A 168 2.43 -8.94 -0.06
N SER A 169 1.37 -9.54 -0.59
CA SER A 169 0.05 -8.92 -0.58
C SER A 169 -0.99 -9.96 -0.19
N LYS A 170 -2.01 -9.50 0.53
CA LYS A 170 -3.02 -10.41 1.06
C LYS A 170 -3.93 -10.93 -0.04
N GLN A 171 -4.31 -12.21 0.08
CA GLN A 171 -5.22 -12.84 -0.85
C GLN A 171 -6.66 -12.65 -0.36
N SER A 172 -7.62 -13.31 -1.00
CA SER A 172 -9.01 -13.20 -0.57
C SER A 172 -9.24 -13.94 0.74
N ASN A 173 -8.46 -14.98 1.02
CA ASN A 173 -8.43 -15.57 2.35
C ASN A 173 -7.36 -14.85 3.17
N ASN A 174 -7.07 -15.36 4.36
CA ASN A 174 -6.03 -14.74 5.18
C ASN A 174 -4.66 -15.38 4.91
N LYS A 175 -4.29 -15.43 3.64
CA LYS A 175 -2.97 -15.84 3.21
C LYS A 175 -2.38 -14.73 2.35
N TYR A 176 -1.09 -14.86 2.05
CA TYR A 176 -0.37 -13.84 1.30
C TYR A 176 0.18 -14.43 0.00
N ALA A 177 0.45 -13.55 -0.94
CA ALA A 177 0.99 -13.93 -2.24
C ALA A 177 2.08 -12.95 -2.66
N ALA A 178 3.01 -13.44 -3.46
CA ALA A 178 4.09 -12.62 -3.99
C ALA A 178 4.59 -13.26 -5.28
N SER A 179 5.51 -12.57 -5.94
CA SER A 179 6.09 -13.08 -7.18
C SER A 179 7.47 -12.48 -7.38
N SER A 180 8.32 -13.22 -8.10
CA SER A 180 9.68 -12.80 -8.37
C SER A 180 10.03 -13.10 -9.82
N TYR A 181 10.76 -12.18 -10.45
CA TYR A 181 11.10 -12.26 -11.86
C TYR A 181 12.60 -12.20 -12.04
N LEU A 182 13.13 -13.08 -12.88
CA LEU A 182 14.55 -13.08 -13.25
C LEU A 182 14.65 -12.78 -14.74
N SER A 183 15.16 -11.60 -15.08
CA SER A 183 15.37 -11.22 -16.47
C SER A 183 16.78 -11.61 -16.90
N LEU A 184 16.89 -12.20 -18.08
CA LEU A 184 18.18 -12.68 -18.57
C LEU A 184 18.10 -12.81 -20.08
N THR A 185 19.27 -12.87 -20.71
CA THR A 185 19.35 -12.99 -22.16
C THR A 185 19.09 -14.44 -22.58
N PRO A 186 18.63 -14.64 -23.82
CA PRO A 186 18.42 -16.02 -24.29
C PRO A 186 19.66 -16.89 -24.25
N GLU A 187 20.85 -16.33 -24.46
CA GLU A 187 22.07 -17.12 -24.39
C GLU A 187 22.32 -17.61 -22.96
N GLN A 188 22.12 -16.73 -21.97
CA GLN A 188 22.25 -17.14 -20.58
C GLN A 188 21.28 -18.25 -20.23
N TRP A 189 20.06 -18.19 -20.78
CA TRP A 189 19.06 -19.21 -20.49
C TRP A 189 19.48 -20.56 -21.06
N LYS A 190 19.94 -20.57 -22.31
CA LYS A 190 20.41 -21.80 -22.95
C LYS A 190 21.81 -22.20 -22.52
N SER A 191 22.54 -21.34 -21.81
CA SER A 191 23.90 -21.67 -21.41
C SER A 191 23.91 -22.71 -20.29
N HIS A 192 23.09 -22.51 -19.27
CA HIS A 192 23.12 -23.35 -18.09
C HIS A 192 22.17 -24.54 -18.23
N ARG A 193 22.42 -25.56 -17.41
CA ARG A 193 21.59 -26.76 -17.45
C ARG A 193 20.25 -26.56 -16.75
N SER A 194 20.18 -25.63 -15.79
CA SER A 194 18.94 -25.42 -15.05
C SER A 194 18.98 -24.06 -14.36
N TYR A 195 17.80 -23.61 -13.95
CA TYR A 195 17.63 -22.45 -13.09
C TYR A 195 16.63 -22.80 -12.00
N SER A 196 16.84 -22.22 -10.81
CA SER A 196 16.00 -22.54 -9.67
C SER A 196 15.61 -21.27 -8.92
N CYS A 197 14.36 -21.21 -8.50
CA CYS A 197 13.85 -20.15 -7.64
C CYS A 197 13.64 -20.74 -6.25
N GLN A 198 14.29 -20.14 -5.25
CA GLN A 198 14.29 -20.66 -3.88
C GLN A 198 13.58 -19.67 -2.97
N VAL A 199 12.44 -20.08 -2.43
CA VAL A 199 11.60 -19.23 -1.59
C VAL A 199 11.75 -19.68 -0.14
N THR A 200 12.24 -18.79 0.70
CA THR A 200 12.45 -19.06 2.12
C THR A 200 11.36 -18.40 2.94
N HIS A 201 10.75 -19.17 3.84
CA HIS A 201 9.65 -18.67 4.66
C HIS A 201 9.75 -19.32 6.04
N GLU A 202 10.02 -18.50 7.06
CA GLU A 202 10.12 -18.97 8.45
C GLU A 202 11.21 -20.03 8.61
N GLY A 203 12.36 -19.80 7.96
CA GLY A 203 13.50 -20.68 8.08
C GLY A 203 13.51 -21.86 7.14
N SER A 204 12.38 -22.20 6.53
CA SER A 204 12.29 -23.32 5.61
C SER A 204 12.15 -22.81 4.17
N THR A 205 12.60 -23.63 3.23
CA THR A 205 12.74 -23.21 1.84
C THR A 205 12.01 -24.16 0.90
N VAL A 206 11.33 -23.58 -0.09
CA VAL A 206 10.71 -24.33 -1.17
C VAL A 206 11.42 -23.95 -2.47
N GLU A 207 11.85 -24.96 -3.23
CA GLU A 207 12.63 -24.74 -4.45
C GLU A 207 11.96 -25.43 -5.63
N LYS A 208 11.86 -24.71 -6.74
CA LYS A 208 11.41 -25.27 -8.02
C LYS A 208 12.45 -25.01 -9.08
N THR A 209 12.57 -25.94 -10.02
CA THR A 209 13.59 -25.91 -11.05
C THR A 209 12.98 -25.96 -12.44
N VAL A 210 13.62 -25.28 -13.39
CA VAL A 210 13.27 -25.36 -14.79
C VAL A 210 14.55 -25.52 -15.61
N ALA A 211 14.40 -26.13 -16.78
CA ALA A 211 15.53 -26.38 -17.67
C ALA A 211 15.08 -26.12 -19.10
N PRO A 212 16.00 -25.68 -19.98
CA PRO A 212 15.69 -25.47 -21.40
C PRO A 212 15.18 -26.74 -22.09
N GLN B 1 -24.25 8.59 4.74
CA GLN B 1 -23.50 8.61 5.98
C GLN B 1 -22.36 9.63 5.92
N VAL B 2 -21.67 9.80 7.04
CA VAL B 2 -20.52 10.69 7.09
C VAL B 2 -19.35 10.04 6.36
N GLN B 3 -18.81 10.73 5.35
CA GLN B 3 -17.71 10.16 4.58
C GLN B 3 -17.02 11.25 3.80
N LEU B 4 -15.77 10.97 3.42
CA LEU B 4 -14.98 11.81 2.53
C LEU B 4 -14.54 10.97 1.36
N VAL B 5 -14.88 11.39 0.14
CA VAL B 5 -14.57 10.65 -1.07
C VAL B 5 -13.56 11.46 -1.86
N GLN B 6 -12.41 10.86 -2.13
CA GLN B 6 -11.32 11.50 -2.86
C GLN B 6 -11.35 11.10 -4.33
N SER B 7 -10.63 11.87 -5.14
CA SER B 7 -10.54 11.60 -6.57
C SER B 7 -9.61 10.42 -6.84
N GLY B 8 -9.58 9.99 -8.10
CA GLY B 8 -8.90 8.78 -8.48
C GLY B 8 -7.40 8.92 -8.59
N ALA B 9 -6.76 7.82 -8.97
CA ALA B 9 -5.31 7.74 -9.02
C ALA B 9 -4.74 8.68 -10.07
N GLU B 10 -3.55 9.20 -9.79
CA GLU B 10 -2.87 10.16 -10.65
C GLU B 10 -1.50 9.65 -11.05
N VAL B 11 -1.12 9.88 -12.29
CA VAL B 11 0.19 9.52 -12.83
C VAL B 11 0.79 10.76 -13.46
N LYS B 12 1.95 11.19 -12.94
CA LYS B 12 2.55 12.45 -13.34
C LYS B 12 4.04 12.25 -13.62
N LYS B 13 4.58 13.18 -14.43
CA LYS B 13 6.00 13.25 -14.73
C LYS B 13 6.71 14.16 -13.73
N PRO B 14 8.00 13.94 -13.51
CA PRO B 14 8.75 14.85 -12.63
C PRO B 14 8.68 16.29 -13.12
N GLY B 15 8.40 17.20 -12.20
CA GLY B 15 8.26 18.61 -12.53
C GLY B 15 6.83 19.06 -12.76
N ALA B 16 5.88 18.13 -12.85
CA ALA B 16 4.49 18.48 -13.08
C ALA B 16 3.81 18.86 -11.76
N SER B 17 2.52 19.16 -11.85
CA SER B 17 1.69 19.43 -10.69
C SER B 17 0.50 18.49 -10.68
N VAL B 18 -0.06 18.27 -9.49
CA VAL B 18 -1.20 17.39 -9.32
C VAL B 18 -2.18 18.03 -8.34
N LYS B 19 -3.47 17.84 -8.57
CA LYS B 19 -4.51 18.41 -7.73
C LYS B 19 -5.48 17.30 -7.35
N VAL B 20 -5.49 16.94 -6.07
CA VAL B 20 -6.39 15.92 -5.55
C VAL B 20 -7.55 16.60 -4.82
N SER B 21 -8.74 16.06 -4.97
CA SER B 21 -9.95 16.60 -4.36
C SER B 21 -10.46 15.66 -3.28
N CYS B 22 -11.29 16.22 -2.39
CA CYS B 22 -11.84 15.48 -1.25
C CYS B 22 -13.26 16.01 -1.00
N ARG B 23 -14.26 15.27 -1.46
CA ARG B 23 -15.65 15.71 -1.37
C ARG B 23 -16.28 15.20 -0.08
N ALA B 24 -16.80 16.12 0.72
CA ALA B 24 -17.48 15.78 1.96
C ALA B 24 -18.97 15.60 1.73
N SER B 25 -19.60 14.88 2.65
CA SER B 25 -21.05 14.66 2.60
C SER B 25 -21.48 14.07 3.94
N GLY B 26 -22.74 14.34 4.30
CA GLY B 26 -23.34 13.77 5.49
C GLY B 26 -23.20 14.60 6.75
N TYR B 27 -22.57 15.77 6.67
CA TYR B 27 -22.40 16.62 7.84
C TYR B 27 -22.29 18.08 7.38
N THR B 28 -22.26 18.98 8.35
CA THR B 28 -22.15 20.41 8.08
C THR B 28 -20.70 20.74 7.72
N PHE B 29 -20.48 21.09 6.45
CA PHE B 29 -19.13 21.19 5.91
C PHE B 29 -18.32 22.26 6.62
N THR B 30 -18.89 23.45 6.81
CA THR B 30 -18.15 24.59 7.33
C THR B 30 -17.94 24.56 8.84
N ASN B 31 -18.28 23.46 9.51
CA ASN B 31 -18.11 23.35 10.96
C ASN B 31 -16.82 22.64 11.35
N TYR B 32 -15.97 22.28 10.39
CA TYR B 32 -14.81 21.45 10.67
C TYR B 32 -13.61 21.95 9.89
N ALA B 33 -12.46 21.36 10.20
CA ALA B 33 -11.22 21.55 9.45
C ALA B 33 -10.87 20.24 8.75
N MET B 34 -9.92 20.32 7.81
CA MET B 34 -9.58 19.18 6.97
C MET B 34 -8.07 19.13 6.76
N HIS B 35 -7.44 18.03 7.20
CA HIS B 35 -6.03 17.81 7.02
C HIS B 35 -5.75 17.14 5.67
N TRP B 36 -4.51 17.29 5.21
CA TRP B 36 -3.97 16.49 4.12
C TRP B 36 -2.72 15.79 4.62
N VAL B 37 -2.70 14.47 4.52
CA VAL B 37 -1.61 13.63 5.02
C VAL B 37 -1.20 12.67 3.91
N ARG B 38 0.10 12.41 3.81
CA ARG B 38 0.62 11.51 2.79
C ARG B 38 1.46 10.41 3.43
N GLN B 39 1.60 9.31 2.69
CA GLN B 39 2.30 8.14 3.20
C GLN B 39 3.00 7.46 2.03
N ALA B 40 4.34 7.53 2.01
CA ALA B 40 5.10 6.80 1.02
C ALA B 40 4.94 5.30 1.24
N PRO B 41 5.15 4.49 0.20
CA PRO B 41 5.00 3.03 0.35
C PRO B 41 5.93 2.49 1.44
N GLY B 42 5.33 1.82 2.42
CA GLY B 42 6.08 1.25 3.52
C GLY B 42 6.60 2.25 4.54
N GLN B 43 6.22 3.52 4.43
CA GLN B 43 6.71 4.57 5.29
C GLN B 43 5.59 5.09 6.19
N ARG B 44 5.91 6.10 6.99
CA ARG B 44 5.02 6.62 8.01
C ARG B 44 4.09 7.69 7.45
N LEU B 45 3.11 8.08 8.26
CA LEU B 45 2.26 9.21 7.92
C LEU B 45 3.02 10.52 8.09
N GLU B 46 2.74 11.47 7.22
CA GLU B 46 3.44 12.75 7.22
C GLU B 46 2.44 13.87 7.00
N TRP B 47 2.37 14.79 7.97
CA TRP B 47 1.43 15.89 7.90
C TRP B 47 1.88 16.92 6.88
N MET B 48 0.98 17.32 5.98
CA MET B 48 1.26 18.31 4.96
C MET B 48 0.66 19.69 5.28
N GLY B 49 -0.52 19.71 5.90
CA GLY B 49 -1.19 20.96 6.18
C GLY B 49 -2.68 20.72 6.36
N TRP B 50 -3.37 21.79 6.73
CA TRP B 50 -4.82 21.71 6.89
C TRP B 50 -5.44 23.07 6.62
N ILE B 51 -6.77 23.06 6.49
CA ILE B 51 -7.54 24.24 6.12
C ILE B 51 -8.84 24.24 6.92
N ASN B 52 -9.27 25.42 7.34
CA ASN B 52 -10.60 25.60 7.91
C ASN B 52 -11.61 25.62 6.77
N ALA B 53 -12.56 24.68 6.78
CA ALA B 53 -13.53 24.60 5.70
C ALA B 53 -14.37 25.86 5.60
N GLY B 54 -14.53 26.61 6.69
CA GLY B 54 -15.32 27.81 6.68
C GLY B 54 -14.61 29.01 6.09
N ASN B 55 -13.65 29.58 6.83
CA ASN B 55 -12.98 30.80 6.41
C ASN B 55 -11.80 30.55 5.47
N GLY B 56 -11.43 29.29 5.24
CA GLY B 56 -10.41 28.96 4.27
C GLY B 56 -8.98 29.21 4.70
N TYR B 57 -8.75 29.68 5.93
CA TYR B 57 -7.39 29.89 6.40
C TYR B 57 -6.63 28.57 6.47
N THR B 58 -5.34 28.62 6.15
CA THR B 58 -4.52 27.41 6.04
C THR B 58 -3.24 27.56 6.83
N LYS B 59 -2.63 26.41 7.11
CA LYS B 59 -1.28 26.31 7.65
C LYS B 59 -0.64 25.07 7.05
N TYR B 60 0.53 25.24 6.44
CA TYR B 60 1.20 24.14 5.77
C TYR B 60 2.42 23.69 6.56
N SER B 61 2.82 22.45 6.33
CA SER B 61 4.03 21.92 6.94
C SER B 61 5.26 22.65 6.40
N GLN B 62 6.26 22.82 7.26
CA GLN B 62 7.48 23.53 6.89
C GLN B 62 8.22 22.86 5.74
N LYS B 63 8.03 21.56 5.56
CA LYS B 63 8.68 20.85 4.47
C LYS B 63 7.98 21.06 3.14
N PHE B 64 6.68 21.35 3.15
CA PHE B 64 5.89 21.52 1.93
C PHE B 64 5.48 22.97 1.67
N GLN B 65 5.82 23.90 2.57
CA GLN B 65 5.32 25.28 2.48
C GLN B 65 5.51 25.90 1.10
N ASP B 66 6.59 25.53 0.39
CA ASP B 66 6.90 26.15 -0.89
C ASP B 66 6.17 25.50 -2.06
N ARG B 67 5.57 24.33 -1.88
CA ARG B 67 5.04 23.57 -3.01
C ARG B 67 3.56 23.20 -2.91
N VAL B 68 2.94 23.26 -1.74
CA VAL B 68 1.57 22.78 -1.57
C VAL B 68 0.63 23.98 -1.49
N THR B 69 -0.56 23.82 -2.07
CA THR B 69 -1.67 24.76 -1.93
C THR B 69 -2.92 23.98 -1.57
N ILE B 70 -3.54 24.35 -0.45
CA ILE B 70 -4.77 23.70 0.01
C ILE B 70 -5.90 24.72 -0.09
N THR B 71 -6.95 24.37 -0.81
CA THR B 71 -8.11 25.24 -1.02
C THR B 71 -9.37 24.46 -0.70
N ARG B 72 -10.50 25.18 -0.70
CA ARG B 72 -11.79 24.56 -0.46
C ARG B 72 -12.85 25.26 -1.29
N ASP B 73 -13.90 24.52 -1.63
CA ASP B 73 -15.06 25.04 -2.35
C ASP B 73 -16.29 24.66 -1.53
N THR B 74 -16.85 25.64 -0.81
CA THR B 74 -17.99 25.36 0.06
C THR B 74 -19.22 24.95 -0.76
N SER B 75 -19.42 25.58 -1.92
CA SER B 75 -20.59 25.27 -2.74
C SER B 75 -20.59 23.82 -3.19
N ALA B 76 -19.42 23.21 -3.29
CA ALA B 76 -19.30 21.79 -3.62
C ALA B 76 -18.89 20.94 -2.42
N THR B 77 -18.72 21.55 -1.25
CA THR B 77 -18.28 20.86 -0.03
C THR B 77 -17.07 19.96 -0.32
N THR B 78 -16.09 20.53 -1.01
CA THR B 78 -14.92 19.80 -1.46
C THR B 78 -13.66 20.57 -1.09
N ALA B 79 -12.65 19.84 -0.61
CA ALA B 79 -11.33 20.40 -0.35
C ALA B 79 -10.35 19.88 -1.39
N TYR B 80 -9.35 20.70 -1.71
CA TYR B 80 -8.37 20.38 -2.74
C TYR B 80 -6.97 20.54 -2.19
N MET B 81 -6.05 19.77 -2.75
CA MET B 81 -4.63 19.85 -2.41
C MET B 81 -3.83 19.80 -3.70
N GLU B 82 -3.01 20.83 -3.95
CA GLU B 82 -2.17 20.90 -5.13
C GLU B 82 -0.71 20.87 -4.70
N LEU B 83 0.05 19.92 -5.27
CA LEU B 83 1.48 19.80 -5.03
C LEU B 83 2.21 20.04 -6.34
N SER B 84 3.11 21.02 -6.35
CA SER B 84 3.80 21.46 -7.55
C SER B 84 5.23 20.95 -7.57
N SER B 85 5.85 21.04 -8.74
CA SER B 85 7.22 20.58 -8.99
C SER B 85 7.44 19.19 -8.38
N LEU B 86 6.64 18.24 -8.86
CA LEU B 86 6.69 16.89 -8.34
C LEU B 86 8.04 16.24 -8.63
N ARG B 87 8.46 15.35 -7.74
CA ARG B 87 9.67 14.58 -7.92
C ARG B 87 9.40 13.12 -7.54
N SER B 88 10.40 12.28 -7.78
CA SER B 88 10.25 10.84 -7.57
C SER B 88 9.73 10.51 -6.18
N GLU B 89 10.32 11.12 -5.15
CA GLU B 89 9.97 10.81 -3.78
C GLU B 89 8.60 11.36 -3.35
N ASP B 90 7.92 12.11 -4.20
CA ASP B 90 6.54 12.50 -3.93
C ASP B 90 5.55 11.38 -4.22
N THR B 91 6.01 10.25 -4.75
CA THR B 91 5.16 9.08 -4.95
C THR B 91 4.68 8.56 -3.61
N ALA B 92 3.37 8.65 -3.35
CA ALA B 92 2.82 8.27 -2.06
C ALA B 92 1.31 8.22 -2.17
N MET B 93 0.68 7.69 -1.13
CA MET B 93 -0.78 7.74 -0.97
C MET B 93 -1.12 9.01 -0.21
N TYR B 94 -2.12 9.74 -0.69
CA TYR B 94 -2.49 11.02 -0.11
C TYR B 94 -3.89 10.94 0.47
N TYR B 95 -4.02 11.32 1.75
CA TYR B 95 -5.27 11.23 2.48
C TYR B 95 -5.77 12.62 2.87
N CYS B 96 -7.09 12.76 2.90
CA CYS B 96 -7.75 13.89 3.53
C CYS B 96 -8.46 13.40 4.79
N ALA B 97 -8.43 14.21 5.85
CA ALA B 97 -9.01 13.80 7.12
C ALA B 97 -9.66 15.00 7.80
N ARG B 98 -10.86 14.77 8.35
CA ARG B 98 -11.62 15.82 9.02
C ARG B 98 -11.15 15.99 10.46
N ASP B 99 -11.22 17.23 10.94
CA ASP B 99 -10.86 17.55 12.31
C ASP B 99 -11.74 18.70 12.80
N SER B 100 -11.55 19.08 14.05
CA SER B 100 -12.40 20.07 14.70
C SER B 100 -12.05 21.49 14.24
N PHE B 101 -13.03 22.38 14.36
CA PHE B 101 -12.82 23.81 14.17
C PHE B 101 -13.54 24.58 15.27
N TYR B 102 -12.85 25.56 15.84
CA TYR B 102 -13.42 26.42 16.87
C TYR B 102 -13.27 27.87 16.44
N ASP B 103 -14.38 28.60 16.43
CA ASP B 103 -14.37 29.99 16.00
C ASP B 103 -14.05 30.90 17.19
N ILE B 104 -14.21 32.21 16.99
CA ILE B 104 -13.86 33.17 18.04
C ILE B 104 -14.81 33.05 19.23
N LEU B 105 -16.11 32.97 18.96
CA LEU B 105 -17.10 32.88 20.02
C LEU B 105 -17.09 31.52 20.71
N SER B 106 -16.36 30.55 20.18
CA SER B 106 -16.20 29.25 20.83
C SER B 106 -15.78 29.38 22.29
N PRO B 108 -13.69 29.75 25.21
CA PRO B 108 -14.11 29.23 26.51
C PRO B 108 -14.44 27.74 26.48
N VAL B 109 -14.74 27.21 25.30
CA VAL B 109 -15.03 25.78 25.18
C VAL B 109 -13.76 24.97 25.45
N TYR B 110 -13.95 23.70 25.78
CA TYR B 110 -12.85 22.76 25.90
C TYR B 110 -12.46 22.31 24.50
N HIS B 111 -11.29 22.76 24.04
CA HIS B 111 -10.85 22.46 22.68
C HIS B 111 -10.21 21.09 22.63
N TYR B 112 -10.78 20.21 21.82
CA TYR B 112 -10.21 18.89 21.56
C TYR B 112 -10.09 18.69 20.06
N TYR B 113 -9.14 17.84 19.67
CA TYR B 113 -8.88 17.58 18.25
C TYR B 113 -8.72 16.08 18.04
N GLY B 114 -8.66 15.71 16.76
CA GLY B 114 -8.56 14.32 16.37
C GLY B 114 -9.10 14.10 14.97
N MET B 115 -8.33 13.40 14.14
CA MET B 115 -8.72 13.15 12.75
C MET B 115 -9.71 11.98 12.76
N ASP B 116 -10.99 12.31 12.88
CA ASP B 116 -12.03 11.32 13.15
C ASP B 116 -12.58 10.66 11.89
N VAL B 117 -12.53 11.34 10.75
CA VAL B 117 -13.04 10.80 9.49
C VAL B 117 -11.97 10.96 8.43
N TRP B 118 -11.69 9.89 7.70
CA TRP B 118 -10.65 9.86 6.68
C TRP B 118 -11.22 9.49 5.33
N GLY B 119 -10.64 10.05 4.27
CA GLY B 119 -10.93 9.62 2.93
C GLY B 119 -10.29 8.27 2.64
N GLN B 120 -10.65 7.69 1.50
CA GLN B 120 -10.13 6.39 1.13
C GLN B 120 -8.68 6.45 0.66
N GLY B 121 -8.20 7.63 0.31
CA GLY B 121 -6.83 7.79 -0.14
C GLY B 121 -6.72 7.85 -1.65
N THR B 122 -5.71 8.59 -2.11
CA THR B 122 -5.42 8.72 -3.53
C THR B 122 -3.95 8.44 -3.77
N THR B 123 -3.66 7.51 -4.68
CA THR B 123 -2.29 7.21 -5.05
C THR B 123 -1.80 8.20 -6.09
N VAL B 124 -0.62 8.77 -5.85
CA VAL B 124 0.05 9.63 -6.82
C VAL B 124 1.38 9.00 -7.16
N THR B 125 1.60 8.77 -8.46
CA THR B 125 2.81 8.12 -8.95
C THR B 125 3.58 9.12 -9.82
N VAL B 126 4.81 9.42 -9.42
CA VAL B 126 5.69 10.32 -10.17
C VAL B 126 6.79 9.47 -10.80
N SER B 127 6.87 9.52 -12.13
CA SER B 127 7.86 8.72 -12.85
C SER B 127 8.07 9.33 -14.22
N SER B 128 9.30 9.22 -14.72
CA SER B 128 9.64 9.70 -16.05
C SER B 128 9.21 8.74 -17.15
N ALA B 129 8.55 7.64 -16.81
CA ALA B 129 8.12 6.67 -17.80
C ALA B 129 6.89 7.19 -18.55
N SER B 130 6.70 6.66 -19.75
CA SER B 130 5.60 7.03 -20.61
C SER B 130 4.64 5.85 -20.79
N THR B 131 3.42 6.17 -21.19
CA THR B 131 2.39 5.15 -21.37
C THR B 131 2.81 4.14 -22.43
N LYS B 132 2.69 2.85 -22.10
CA LYS B 132 3.08 1.79 -23.01
C LYS B 132 2.17 0.58 -22.80
N GLY B 133 1.63 0.05 -23.89
CA GLY B 133 0.83 -1.15 -23.84
C GLY B 133 1.68 -2.36 -23.50
N PRO B 134 1.04 -3.40 -22.97
CA PRO B 134 1.79 -4.58 -22.54
C PRO B 134 2.05 -5.56 -23.67
N SER B 135 3.11 -6.34 -23.51
CA SER B 135 3.39 -7.50 -24.34
C SER B 135 3.00 -8.74 -23.53
N VAL B 136 2.06 -9.51 -24.06
CA VAL B 136 1.48 -10.65 -23.35
C VAL B 136 2.08 -11.92 -23.92
N PHE B 137 2.67 -12.74 -23.05
CA PHE B 137 3.28 -13.99 -23.44
C PHE B 137 2.61 -15.17 -22.74
N PRO B 138 2.35 -16.26 -23.45
CA PRO B 138 1.72 -17.41 -22.81
C PRO B 138 2.72 -18.17 -21.95
N LEU B 139 2.19 -18.77 -20.88
CA LEU B 139 2.98 -19.61 -19.99
C LEU B 139 2.40 -21.03 -20.07
N ALA B 140 2.96 -21.83 -20.97
CA ALA B 140 2.40 -23.14 -21.25
C ALA B 140 2.62 -24.09 -20.07
N PRO B 141 1.69 -25.02 -19.84
CA PRO B 141 1.82 -26.02 -18.77
C PRO B 141 2.85 -27.09 -19.10
N GLY B 149 -3.59 -35.28 -13.71
CA GLY B 149 -4.30 -34.75 -12.56
C GLY B 149 -4.63 -33.28 -12.70
N THR B 150 -3.70 -32.42 -12.28
CA THR B 150 -3.88 -30.99 -12.34
C THR B 150 -2.66 -30.35 -13.01
N ALA B 151 -2.89 -29.24 -13.70
CA ALA B 151 -1.84 -28.55 -14.43
C ALA B 151 -2.05 -27.05 -14.32
N ALA B 152 -0.94 -26.32 -14.36
CA ALA B 152 -0.95 -24.87 -14.21
C ALA B 152 -0.47 -24.21 -15.50
N LEU B 153 -1.26 -23.28 -16.02
CA LEU B 153 -0.88 -22.43 -17.13
C LEU B 153 -1.22 -20.99 -16.79
N GLY B 154 -0.72 -20.07 -17.61
CA GLY B 154 -0.98 -18.68 -17.36
C GLY B 154 -0.46 -17.80 -18.47
N CYS B 155 -0.42 -16.49 -18.20
N CYS B 155 -0.44 -16.49 -18.18
CA CYS B 155 0.13 -15.57 -19.19
CA CYS B 155 0.04 -15.47 -19.10
C CYS B 155 0.84 -14.41 -18.53
C CYS B 155 1.03 -14.58 -18.36
N LEU B 156 1.98 -14.03 -19.10
CA LEU B 156 2.88 -13.02 -18.58
C LEU B 156 2.56 -11.68 -19.23
N VAL B 157 2.21 -10.70 -18.41
CA VAL B 157 1.88 -9.35 -18.89
C VAL B 157 3.10 -8.48 -18.60
N LYS B 158 3.92 -8.24 -19.63
CA LYS B 158 5.24 -7.67 -19.46
C LYS B 158 5.34 -6.27 -20.04
N ASP B 159 6.05 -5.40 -19.32
CA ASP B 159 6.50 -4.09 -19.82
C ASP B 159 5.30 -3.21 -20.23
N TYR B 160 4.58 -2.74 -19.21
CA TYR B 160 3.48 -1.81 -19.44
C TYR B 160 3.57 -0.67 -18.43
N PHE B 161 2.90 0.43 -18.76
CA PHE B 161 2.86 1.61 -17.92
C PHE B 161 1.72 2.49 -18.38
N PRO B 162 0.92 3.07 -17.47
CA PRO B 162 1.04 2.83 -16.03
C PRO B 162 0.08 1.74 -15.56
N GLU B 163 -0.10 1.64 -14.23
CA GLU B 163 -1.15 0.82 -13.67
C GLU B 163 -2.51 1.44 -14.04
N PRO B 164 -3.58 0.63 -14.00
CA PRO B 164 -3.66 -0.79 -13.70
C PRO B 164 -3.90 -1.69 -14.90
N VAL B 165 -3.82 -3.00 -14.67
CA VAL B 165 -4.12 -4.02 -15.67
C VAL B 165 -5.13 -4.98 -15.06
N THR B 166 -6.17 -5.31 -15.82
CA THR B 166 -7.16 -6.29 -15.40
C THR B 166 -7.01 -7.56 -16.25
N VAL B 167 -7.19 -8.71 -15.61
CA VAL B 167 -7.04 -10.01 -16.26
C VAL B 167 -8.24 -10.88 -15.91
N SER B 168 -8.82 -11.51 -16.94
CA SER B 168 -9.82 -12.55 -16.77
C SER B 168 -9.48 -13.70 -17.71
N TRP B 169 -10.16 -14.82 -17.51
CA TRP B 169 -9.92 -16.03 -18.29
C TRP B 169 -11.21 -16.46 -18.97
N ASN B 170 -11.13 -16.76 -20.27
CA ASN B 170 -12.28 -17.18 -21.06
C ASN B 170 -13.43 -16.19 -20.93
N SER B 171 -13.10 -14.89 -20.99
CA SER B 171 -14.07 -13.81 -20.91
C SER B 171 -14.89 -13.87 -19.62
N GLY B 172 -14.24 -14.26 -18.53
CA GLY B 172 -14.88 -14.31 -17.23
C GLY B 172 -15.62 -15.60 -16.93
N ALA B 173 -15.82 -16.47 -17.92
CA ALA B 173 -16.51 -17.73 -17.69
C ALA B 173 -15.72 -18.69 -16.81
N LEU B 174 -14.42 -18.45 -16.66
CA LEU B 174 -13.54 -19.31 -15.88
C LEU B 174 -13.01 -18.52 -14.69
N THR B 175 -13.40 -18.92 -13.48
CA THR B 175 -12.89 -18.33 -12.26
C THR B 175 -12.23 -19.32 -11.31
N SER B 176 -12.54 -20.61 -11.43
CA SER B 176 -11.96 -21.61 -10.54
C SER B 176 -10.47 -21.77 -10.82
N GLY B 177 -9.66 -21.79 -9.76
CA GLY B 177 -8.23 -21.97 -9.91
C GLY B 177 -7.48 -20.78 -10.47
N VAL B 178 -8.15 -19.66 -10.68
CA VAL B 178 -7.51 -18.47 -11.23
C VAL B 178 -6.84 -17.70 -10.10
N HIS B 179 -5.60 -17.26 -10.32
CA HIS B 179 -4.89 -16.42 -9.37
C HIS B 179 -4.05 -15.42 -10.15
N THR B 180 -4.41 -14.14 -10.05
CA THR B 180 -3.66 -13.06 -10.67
C THR B 180 -2.84 -12.34 -9.61
N PHE B 181 -1.56 -12.10 -9.91
CA PHE B 181 -0.65 -11.56 -8.92
C PHE B 181 -0.41 -10.08 -9.13
N PRO B 182 -0.19 -9.33 -8.05
CA PRO B 182 0.14 -7.91 -8.19
C PRO B 182 1.42 -7.70 -8.98
N ALA B 183 1.50 -6.56 -9.65
CA ALA B 183 2.59 -6.30 -10.58
C ALA B 183 3.87 -5.95 -9.84
N VAL B 184 5.00 -6.22 -10.50
CA VAL B 184 6.31 -5.80 -10.04
C VAL B 184 6.70 -4.55 -10.78
N LEU B 185 7.47 -3.69 -10.13
CA LEU B 185 7.98 -2.46 -10.73
C LEU B 185 9.44 -2.70 -11.09
N GLN B 186 9.74 -2.75 -12.38
CA GLN B 186 11.08 -3.06 -12.84
C GLN B 186 12.00 -1.83 -12.74
N SER B 187 13.31 -2.09 -12.83
CA SER B 187 14.29 -1.00 -12.82
C SER B 187 14.14 -0.08 -14.01
N SER B 188 13.46 -0.54 -15.07
CA SER B 188 13.20 0.29 -16.24
C SER B 188 12.08 1.30 -16.03
N GLY B 189 11.36 1.22 -14.92
CA GLY B 189 10.19 2.03 -14.70
C GLY B 189 8.90 1.43 -15.22
N LEU B 190 8.96 0.26 -15.84
CA LEU B 190 7.78 -0.42 -16.38
C LEU B 190 7.31 -1.51 -15.42
N TYR B 191 6.04 -1.86 -15.54
CA TYR B 191 5.42 -2.88 -14.69
C TYR B 191 5.32 -4.21 -15.43
N SER B 192 5.21 -5.27 -14.65
CA SER B 192 4.98 -6.62 -15.16
C SER B 192 4.19 -7.40 -14.13
N LEU B 193 3.19 -8.15 -14.59
CA LEU B 193 2.45 -9.06 -13.72
C LEU B 193 2.17 -10.36 -14.47
N SER B 194 1.69 -11.35 -13.73
CA SER B 194 1.35 -12.64 -14.30
C SER B 194 0.04 -13.13 -13.68
N SER B 195 -0.69 -13.93 -14.44
CA SER B 195 -1.92 -14.55 -13.98
C SER B 195 -1.84 -16.05 -14.21
N VAL B 196 -2.38 -16.82 -13.26
CA VAL B 196 -2.31 -18.28 -13.29
C VAL B 196 -3.73 -18.83 -13.25
N VAL B 197 -3.92 -19.98 -13.90
CA VAL B 197 -5.13 -20.77 -13.72
C VAL B 197 -4.72 -22.24 -13.66
N THR B 198 -5.21 -22.95 -12.65
CA THR B 198 -4.98 -24.37 -12.51
C THR B 198 -6.19 -25.11 -13.09
N VAL B 199 -5.93 -26.00 -14.04
CA VAL B 199 -6.98 -26.67 -14.80
C VAL B 199 -6.73 -28.18 -14.75
N PRO B 200 -7.76 -28.98 -14.98
CA PRO B 200 -7.55 -30.44 -15.06
C PRO B 200 -6.69 -30.79 -16.26
N SER B 201 -5.74 -31.71 -16.03
CA SER B 201 -4.87 -32.16 -17.11
C SER B 201 -5.66 -32.84 -18.22
N SER B 202 -6.81 -33.45 -17.87
CA SER B 202 -7.65 -34.11 -18.86
C SER B 202 -8.17 -33.15 -19.92
N SER B 203 -8.22 -31.84 -19.63
CA SER B 203 -8.86 -30.87 -20.49
C SER B 203 -7.89 -30.12 -21.41
N LEU B 204 -6.59 -30.41 -21.31
CA LEU B 204 -5.60 -29.62 -22.03
C LEU B 204 -5.74 -29.73 -23.55
N GLY B 205 -6.33 -30.82 -24.05
CA GLY B 205 -6.51 -30.98 -25.47
C GLY B 205 -7.90 -30.64 -25.96
N THR B 206 -8.87 -30.61 -25.05
CA THR B 206 -10.26 -30.39 -25.39
C THR B 206 -10.73 -28.96 -25.17
N GLN B 207 -10.34 -28.34 -24.05
CA GLN B 207 -10.80 -27.01 -23.69
C GLN B 207 -9.78 -25.96 -24.07
N THR B 208 -10.26 -24.87 -24.66
CA THR B 208 -9.42 -23.73 -25.01
C THR B 208 -9.34 -22.75 -23.85
N TYR B 209 -8.14 -22.29 -23.54
CA TYR B 209 -7.89 -21.37 -22.43
C TYR B 209 -7.31 -20.07 -22.99
N ILE B 210 -7.99 -18.97 -22.70
CA ILE B 210 -7.60 -17.64 -23.20
C ILE B 210 -7.62 -16.67 -22.03
N CYS B 211 -6.53 -15.94 -21.85
CA CYS B 211 -6.48 -14.89 -20.83
C CYS B 211 -6.74 -13.55 -21.48
N ASN B 212 -7.66 -12.78 -20.91
CA ASN B 212 -8.06 -11.49 -21.45
C ASN B 212 -7.38 -10.40 -20.62
N VAL B 213 -6.38 -9.75 -21.20
CA VAL B 213 -5.63 -8.69 -20.55
C VAL B 213 -6.13 -7.36 -21.07
N ASN B 214 -6.53 -6.46 -20.17
CA ASN B 214 -7.05 -5.15 -20.53
C ASN B 214 -6.20 -4.09 -19.86
N HIS B 215 -5.64 -3.19 -20.68
CA HIS B 215 -4.84 -2.06 -20.21
C HIS B 215 -5.46 -0.79 -20.79
N LYS B 216 -6.46 -0.26 -20.09
CA LYS B 216 -7.18 0.91 -20.59
C LYS B 216 -6.33 2.17 -20.71
N PRO B 217 -5.27 2.41 -19.91
CA PRO B 217 -4.42 3.58 -20.17
C PRO B 217 -3.88 3.66 -21.59
N SER B 218 -3.65 2.53 -22.26
CA SER B 218 -3.20 2.53 -23.65
C SER B 218 -4.30 2.07 -24.61
N ASN B 219 -5.52 1.86 -24.11
CA ASN B 219 -6.66 1.42 -24.92
C ASN B 219 -6.39 0.08 -25.60
N THR B 220 -5.56 -0.76 -24.99
CA THR B 220 -5.20 -2.06 -25.53
C THR B 220 -5.88 -3.18 -24.76
N LYS B 221 -6.35 -4.18 -25.47
CA LYS B 221 -6.89 -5.40 -24.88
C LYS B 221 -6.37 -6.59 -25.68
N VAL B 222 -5.79 -7.56 -24.98
CA VAL B 222 -5.20 -8.72 -25.61
C VAL B 222 -5.84 -9.98 -25.04
N ASP B 223 -6.34 -10.83 -25.93
CA ASP B 223 -6.88 -12.14 -25.56
C ASP B 223 -5.90 -13.19 -26.07
N LYS B 224 -5.02 -13.65 -25.18
CA LYS B 224 -3.92 -14.52 -25.54
C LYS B 224 -4.30 -15.98 -25.28
N LYS B 225 -4.32 -16.78 -26.34
CA LYS B 225 -4.59 -18.21 -26.22
C LYS B 225 -3.35 -18.93 -25.70
N VAL B 226 -3.52 -19.66 -24.60
CA VAL B 226 -2.43 -20.41 -23.99
C VAL B 226 -2.59 -21.88 -24.36
N GLU B 227 -1.61 -22.41 -25.10
CA GLU B 227 -1.67 -23.75 -25.66
C GLU B 227 -0.59 -24.63 -25.04
N PRO B 228 -0.83 -25.94 -24.96
CA PRO B 228 0.22 -26.85 -24.50
C PRO B 228 1.43 -26.80 -25.41
N LYS B 229 2.62 -26.97 -24.82
CA LYS B 229 3.86 -26.91 -25.56
C LYS B 229 4.07 -28.16 -26.40
N ASN C 2 -4.83 22.82 26.24
CA ASN C 2 -5.80 22.60 25.18
C ASN C 2 -6.14 23.90 24.45
N PRO C 3 -5.18 24.48 23.74
CA PRO C 3 -5.41 25.75 23.06
C PRO C 3 -6.17 25.54 21.74
N ASN C 4 -6.67 26.65 21.21
CA ASN C 4 -7.28 26.64 19.88
C ASN C 4 -6.18 26.60 18.84
N ALA C 5 -6.20 25.58 17.98
CA ALA C 5 -5.10 25.32 17.06
C ALA C 5 -5.40 25.69 15.61
N ASN C 6 -6.65 26.05 15.29
CA ASN C 6 -7.01 26.26 13.90
C ASN C 6 -6.26 27.47 13.32
N PRO C 7 -5.88 27.40 12.04
CA PRO C 7 -5.07 28.48 11.46
C PRO C 7 -5.86 29.77 11.31
N ASN C 8 -5.11 30.85 11.13
CA ASN C 8 -5.67 32.19 10.98
C ASN C 8 -5.20 32.80 9.66
N ALA C 9 -5.55 34.06 9.45
CA ALA C 9 -5.16 34.80 8.25
C ALA C 9 -3.64 34.94 8.19
#